data_3GIZ
#
_entry.id   3GIZ
#
_cell.length_a   136.330
_cell.length_b   55.944
_cell.length_c   79.780
_cell.angle_alpha   90.00
_cell.angle_beta   122.17
_cell.angle_gamma   90.00
#
_symmetry.space_group_name_H-M   'C 1 2 1'
#
loop_
_entity.id
_entity.type
_entity.pdbx_description
1 polymer 'Fab fragment of anti-CD20 antibody Ofatumumab, light chain'
2 polymer 'Fab fragment of anti-CD20 antibody Ofatumumab, heavy chain'
3 non-polymer 'ZINC ION'
4 water water
#
loop_
_entity_poly.entity_id
_entity_poly.type
_entity_poly.pdbx_seq_one_letter_code
_entity_poly.pdbx_strand_id
1 'polypeptide(L)'
;EIVLTQSPATLSLSPGERATLSCRASQSVSSYLAWYQQKPGQAPRLLIYDASNRATGIPARFSGSGSGTDFTLTISSLEP
EDFAVYYCQQRSNWPITFGQGTRLEIKRTVAAPSVFIFPPSDEQLKSGTASVVCLLNNFYPREAKVQWKVDNALQSGNSQ
ESVTEQDSKDSTYSLSSTLTLSKADYEKHKVYACEVTHQGLSSPVTKSFNR
;
L
2 'polypeptide(L)'
;EVQLVESGGGLVQPGRSLRLSCAASGFTFNDYAMHWVRQAPGKGLEWVSTISWNSGSIGYADSVKGRFTISRDNAKKSLY
LQMNSLRAEDTALYYCAKDIQYGNYYYGMDVWGQGTTVTVSSASTKGPSVFPLAPGSSKSTSGTAALGCLVKDYFPEPVT
VSWNSGALTSGVHTFPAVLQSSGLYSLSSVVTVPSSSLGTQTYICNVNHKPSNTKVDKKVEP
;
H
#
loop_
_chem_comp.id
_chem_comp.type
_chem_comp.name
_chem_comp.formula
ZN non-polymer 'ZINC ION' 'Zn 2'
#
# COMPACT_ATOMS: atom_id res chain seq x y z
N GLU A 1 -7.62 25.66 5.61
CA GLU A 1 -8.42 24.43 5.34
C GLU A 1 -9.01 23.89 6.66
N ILE A 2 -9.99 23.00 6.57
CA ILE A 2 -10.47 22.28 7.76
C ILE A 2 -9.68 20.98 7.94
N VAL A 3 -9.08 20.82 9.12
CA VAL A 3 -8.29 19.66 9.44
C VAL A 3 -9.18 18.66 10.18
N LEU A 4 -9.12 17.39 9.73
CA LEU A 4 -9.87 16.31 10.34
C LEU A 4 -8.88 15.35 11.00
N THR A 5 -9.10 15.08 12.28
CA THR A 5 -8.25 14.18 13.05
C THR A 5 -9.04 12.91 13.36
N GLN A 6 -8.46 11.78 13.00
CA GLN A 6 -9.07 10.47 13.21
C GLN A 6 -8.40 9.70 14.32
N SER A 7 -9.22 9.14 15.19
CA SER A 7 -8.73 8.29 16.24
C SER A 7 -9.64 7.07 16.47
N PRO A 8 -9.04 5.92 16.87
CA PRO A 8 -7.59 5.84 16.99
C PRO A 8 -6.98 5.58 15.64
N ALA A 9 -5.65 5.75 15.55
CA ALA A 9 -4.89 5.44 14.35
C ALA A 9 -5.03 3.96 13.96
N THR A 10 -4.97 3.09 14.97
CA THR A 10 -5.17 1.64 14.79
C THR A 10 -6.15 1.09 15.82
N LEU A 11 -6.87 0.06 15.43
CA LEU A 11 -7.88 -0.56 16.25
C LEU A 11 -7.81 -2.06 15.98
N SER A 12 -7.66 -2.86 17.05
CA SER A 12 -7.67 -4.33 16.95
C SER A 12 -8.92 -4.92 17.57
N LEU A 13 -9.68 -5.66 16.79
CA LEU A 13 -10.95 -6.21 17.22
C LEU A 13 -11.20 -7.55 16.56
N SER A 14 -12.04 -8.37 17.20
CA SER A 14 -12.46 -9.67 16.67
C SER A 14 -13.77 -9.55 15.90
N PRO A 15 -13.97 -10.42 14.88
CA PRO A 15 -15.27 -10.46 14.25
C PRO A 15 -16.41 -10.62 15.28
N GLY A 16 -17.51 -9.91 15.06
CA GLY A 16 -18.60 -9.90 16.03
C GLY A 16 -18.56 -8.73 17.02
N GLU A 17 -17.39 -8.12 17.23
CA GLU A 17 -17.27 -7.00 18.17
C GLU A 17 -17.71 -5.69 17.53
N ARG A 18 -17.92 -4.67 18.34
CA ARG A 18 -18.32 -3.36 17.83
C ARG A 18 -17.10 -2.44 17.64
N ALA A 19 -17.07 -1.75 16.50
CA ALA A 19 -16.04 -0.77 16.20
C ALA A 19 -16.62 0.64 16.25
N THR A 20 -15.88 1.54 16.91
CA THR A 20 -16.26 2.93 17.15
C THR A 20 -15.13 3.83 16.63
N LEU A 21 -15.33 4.46 15.46
CA LEU A 21 -14.27 5.28 14.84
C LEU A 21 -14.63 6.75 14.92
N SER A 22 -13.68 7.57 15.36
CA SER A 22 -13.90 8.98 15.60
C SER A 22 -13.27 9.85 14.52
N CYS A 23 -14.00 10.91 14.14
CA CYS A 23 -13.49 11.95 13.25
C CYS A 23 -13.82 13.29 13.86
N ARG A 24 -12.81 14.12 14.06
CA ARG A 24 -13.01 15.44 14.65
C ARG A 24 -12.51 16.54 13.72
N ALA A 25 -13.34 17.55 13.51
CA ALA A 25 -12.98 18.68 12.64
C ALA A 25 -12.47 19.84 13.47
N SER A 26 -11.56 20.62 12.86
CA SER A 26 -11.01 21.84 13.47
C SER A 26 -12.03 22.99 13.56
N GLN A 27 -13.05 22.95 12.70
CA GLN A 27 -14.20 23.85 12.78
C GLN A 27 -15.42 23.11 12.26
N SER A 28 -16.61 23.70 12.46
CA SER A 28 -17.88 23.06 12.08
C SER A 28 -17.92 22.71 10.61
N VAL A 29 -18.38 21.51 10.30
CA VAL A 29 -18.64 21.13 8.91
C VAL A 29 -20.12 20.86 8.74
N SER A 30 -20.89 21.14 9.79
CA SER A 30 -22.33 20.93 9.80
C SER A 30 -22.59 19.42 9.68
N SER A 31 -23.32 18.99 8.64
CA SER A 31 -23.52 17.57 8.40
C SER A 31 -22.69 17.03 7.22
N TYR A 32 -21.94 17.90 6.54
CA TYR A 32 -21.20 17.51 5.32
C TYR A 32 -19.92 16.70 5.61
N LEU A 33 -20.14 15.47 6.08
CA LEU A 33 -19.09 14.54 6.48
C LEU A 33 -19.42 13.16 5.91
N ALA A 34 -18.48 12.65 5.12
CA ALA A 34 -18.61 11.36 4.48
C ALA A 34 -17.56 10.39 5.03
N TRP A 35 -17.85 9.10 4.96
CA TRP A 35 -16.92 8.04 5.39
C TRP A 35 -16.63 7.08 4.26
N TYR A 36 -15.36 6.69 4.15
CA TYR A 36 -14.85 5.78 3.13
C TYR A 36 -14.11 4.61 3.75
N GLN A 37 -14.23 3.46 3.09
CA GLN A 37 -13.46 2.27 3.36
C GLN A 37 -12.46 2.07 2.23
N GLN A 38 -11.22 1.70 2.58
CA GLN A 38 -10.25 1.35 1.56
C GLN A 38 -9.39 0.14 1.93
N LYS A 39 -9.46 -0.89 1.10
CA LYS A 39 -8.60 -2.08 1.23
C LYS A 39 -7.30 -1.88 0.42
N PRO A 40 -6.21 -2.60 0.79
CA PRO A 40 -4.94 -2.53 0.07
C PRO A 40 -5.13 -2.90 -1.39
N GLY A 41 -4.55 -2.11 -2.28
CA GLY A 41 -4.65 -2.35 -3.72
C GLY A 41 -5.95 -1.89 -4.35
N GLN A 42 -6.90 -1.48 -3.52
CA GLN A 42 -8.23 -1.12 -4.00
C GLN A 42 -8.54 0.36 -3.84
N ALA A 43 -9.39 0.87 -4.73
CA ALA A 43 -9.94 2.21 -4.62
C ALA A 43 -10.82 2.36 -3.36
N PRO A 44 -10.98 3.60 -2.86
CA PRO A 44 -11.91 3.83 -1.73
C PRO A 44 -13.37 3.51 -2.08
N ARG A 45 -14.16 3.18 -1.05
CA ARG A 45 -15.58 2.84 -1.17
C ARG A 45 -16.42 3.71 -0.22
N LEU A 46 -17.35 4.47 -0.81
CA LEU A 46 -18.26 5.30 -0.02
C LEU A 46 -19.18 4.45 0.84
N LEU A 47 -19.18 4.75 2.14
CA LEU A 47 -20.02 4.08 3.13
C LEU A 47 -21.16 4.98 3.59
N ILE A 48 -20.79 6.18 4.05
CA ILE A 48 -21.69 7.16 4.64
C ILE A 48 -21.50 8.51 3.94
N TYR A 49 -22.61 9.24 3.72
CA TYR A 49 -22.58 10.65 3.29
C TYR A 49 -23.57 11.45 4.15
N ASP A 50 -23.41 12.78 4.20
CA ASP A 50 -24.22 13.64 5.08
C ASP A 50 -24.23 13.16 6.55
N ALA A 51 -23.04 12.82 7.04
CA ALA A 51 -22.83 12.33 8.41
C ALA A 51 -23.51 11.00 8.75
N SER A 52 -24.73 10.78 8.26
CA SER A 52 -25.53 9.66 8.75
C SER A 52 -26.30 8.87 7.69
N ASN A 53 -26.16 9.23 6.42
CA ASN A 53 -26.84 8.44 5.37
C ASN A 53 -25.95 7.38 4.75
N ARG A 54 -26.38 6.13 4.85
CA ARG A 54 -25.69 5.02 4.17
C ARG A 54 -25.80 5.13 2.67
N ALA A 55 -24.67 4.99 1.99
CA ALA A 55 -24.66 4.88 0.55
C ALA A 55 -25.40 3.60 0.12
N THR A 56 -25.88 3.59 -1.13
CA THR A 56 -26.61 2.45 -1.69
C THR A 56 -25.89 1.13 -1.44
N GLY A 57 -26.63 0.17 -0.89
CA GLY A 57 -26.17 -1.21 -0.77
C GLY A 57 -25.24 -1.49 0.40
N ILE A 58 -24.99 -0.49 1.24
CA ILE A 58 -24.10 -0.65 2.38
C ILE A 58 -24.86 -1.32 3.51
N PRO A 59 -24.32 -2.44 4.06
CA PRO A 59 -24.95 -3.19 5.15
C PRO A 59 -25.32 -2.32 6.33
N ALA A 60 -26.37 -2.70 7.04
CA ALA A 60 -26.99 -1.89 8.08
C ALA A 60 -26.12 -1.80 9.32
N ARG A 61 -25.12 -2.68 9.43
CA ARG A 61 -24.17 -2.66 10.55
C ARG A 61 -23.29 -1.40 10.56
N PHE A 62 -23.20 -0.71 9.42
CA PHE A 62 -22.54 0.60 9.31
C PHE A 62 -23.51 1.72 9.66
N SER A 63 -23.16 2.53 10.67
CA SER A 63 -23.95 3.71 10.99
C SER A 63 -23.09 4.90 11.36
N GLY A 64 -23.43 6.06 10.84
CA GLY A 64 -22.72 7.29 11.14
C GLY A 64 -23.57 8.20 11.99
N SER A 65 -22.90 8.99 12.83
CA SER A 65 -23.57 9.98 13.66
C SER A 65 -22.66 11.19 13.90
N GLY A 66 -23.28 12.30 14.27
CA GLY A 66 -22.55 13.49 14.61
C GLY A 66 -22.97 14.67 13.77
N SER A 67 -22.46 15.83 14.17
CA SER A 67 -22.88 17.12 13.67
C SER A 67 -21.80 18.09 14.14
N GLY A 68 -21.56 19.16 13.38
CA GLY A 68 -20.60 20.17 13.78
C GLY A 68 -19.15 19.73 13.63
N THR A 69 -18.55 19.30 14.74
CA THR A 69 -17.12 18.98 14.77
C THR A 69 -16.80 17.53 15.17
N ASP A 70 -17.78 16.81 15.72
CA ASP A 70 -17.55 15.50 16.29
C ASP A 70 -18.42 14.42 15.61
N PHE A 71 -17.75 13.46 14.98
CA PHE A 71 -18.42 12.43 14.19
C PHE A 71 -17.93 11.04 14.55
N THR A 72 -18.79 10.05 14.30
CA THR A 72 -18.50 8.67 14.66
C THR A 72 -19.08 7.75 13.62
N LEU A 73 -18.24 6.83 13.14
CA LEU A 73 -18.67 5.65 12.42
C LEU A 73 -18.68 4.46 13.39
N THR A 74 -19.84 3.84 13.51
CA THR A 74 -20.02 2.64 14.32
C THR A 74 -20.31 1.43 13.43
N ILE A 75 -19.51 0.37 13.60
CA ILE A 75 -19.76 -0.91 12.97
C ILE A 75 -20.17 -1.85 14.10
N SER A 76 -21.46 -2.21 14.14
CA SER A 76 -22.06 -2.75 15.37
C SER A 76 -21.66 -4.19 15.71
N SER A 77 -21.37 -4.97 14.68
CA SER A 77 -20.94 -6.36 14.82
C SER A 77 -20.01 -6.74 13.66
N LEU A 78 -18.72 -6.60 13.90
CA LEU A 78 -17.69 -6.74 12.87
C LEU A 78 -17.72 -8.05 12.08
N GLU A 79 -17.55 -7.88 10.76
CA GLU A 79 -17.40 -8.96 9.82
C GLU A 79 -15.97 -9.04 9.32
N PRO A 80 -15.50 -10.21 8.85
CA PRO A 80 -14.13 -10.28 8.29
C PRO A 80 -13.86 -9.30 7.14
N GLU A 81 -14.85 -9.01 6.30
CA GLU A 81 -14.70 -8.03 5.20
C GLU A 81 -14.60 -6.59 5.68
N ASP A 82 -14.77 -6.34 6.97
CA ASP A 82 -14.82 -4.96 7.50
C ASP A 82 -13.45 -4.44 7.89
N PHE A 83 -12.48 -5.34 7.90
CA PHE A 83 -11.13 -5.00 8.33
C PHE A 83 -10.37 -4.39 7.17
N ALA A 84 -10.09 -3.09 7.32
CA ALA A 84 -9.66 -2.19 6.26
C ALA A 84 -9.26 -0.88 6.91
N VAL A 85 -8.86 0.10 6.10
CA VAL A 85 -8.61 1.48 6.57
C VAL A 85 -9.87 2.35 6.32
N TYR A 86 -10.17 3.24 7.25
CA TYR A 86 -11.36 4.08 7.17
C TYR A 86 -10.97 5.54 7.22
N TYR A 87 -11.47 6.31 6.25
CA TYR A 87 -11.20 7.75 6.15
C TYR A 87 -12.50 8.52 6.29
N CYS A 88 -12.44 9.69 6.93
CA CYS A 88 -13.54 10.63 6.90
C CYS A 88 -13.17 11.75 5.93
N GLN A 89 -14.19 12.41 5.40
CA GLN A 89 -14.00 13.46 4.42
C GLN A 89 -15.06 14.54 4.66
N GLN A 90 -14.62 15.80 4.67
CA GLN A 90 -15.58 16.89 4.78
C GLN A 90 -15.84 17.58 3.45
N ARG A 91 -17.09 18.02 3.28
CA ARG A 91 -17.54 18.65 2.05
C ARG A 91 -18.23 19.97 2.37
N SER A 92 -17.77 20.62 3.43
CA SER A 92 -18.35 21.89 3.89
C SER A 92 -17.71 23.10 3.22
N ASN A 93 -16.43 22.96 2.89
CA ASN A 93 -15.49 24.08 2.81
C ASN A 93 -14.38 23.72 1.81
N TRP A 94 -14.05 24.64 0.88
CA TRP A 94 -12.83 24.50 0.09
C TRP A 94 -11.63 24.63 1.03
N PRO A 95 -10.59 23.78 0.85
CA PRO A 95 -10.53 22.62 -0.04
C PRO A 95 -11.17 21.39 0.61
N ILE A 96 -11.52 20.40 -0.21
CA ILE A 96 -11.94 19.10 0.30
C ILE A 96 -10.76 18.46 1.03
N THR A 97 -10.98 18.06 2.29
CA THR A 97 -9.93 17.43 3.09
C THR A 97 -10.38 16.08 3.64
N PHE A 98 -9.41 15.25 3.96
CA PHE A 98 -9.60 13.91 4.52
C PHE A 98 -8.88 13.80 5.85
N GLY A 99 -9.40 12.95 6.73
CA GLY A 99 -8.63 12.49 7.87
C GLY A 99 -7.51 11.60 7.39
N GLN A 100 -6.55 11.30 8.26
CA GLN A 100 -5.40 10.47 7.85
C GLN A 100 -5.63 8.96 8.07
N GLY A 101 -6.84 8.62 8.54
CA GLY A 101 -7.29 7.24 8.57
C GLY A 101 -7.21 6.55 9.91
N THR A 102 -8.10 5.58 10.08
CA THR A 102 -8.02 4.58 11.13
C THR A 102 -7.88 3.20 10.48
N ARG A 103 -6.78 2.52 10.77
CA ARG A 103 -6.59 1.15 10.34
C ARG A 103 -7.26 0.17 11.32
N LEU A 104 -8.20 -0.62 10.80
CA LEU A 104 -8.95 -1.60 11.57
C LEU A 104 -8.43 -3.00 11.28
N GLU A 105 -7.83 -3.62 12.30
CA GLU A 105 -7.14 -4.90 12.18
C GLU A 105 -7.83 -6.03 12.98
N ILE A 106 -7.79 -7.25 12.45
CA ILE A 106 -8.36 -8.43 13.15
C ILE A 106 -7.54 -8.91 14.36
N LYS A 107 -8.16 -8.85 15.52
CA LYS A 107 -7.63 -9.45 16.74
C LYS A 107 -7.89 -10.95 16.70
N ARG A 108 -6.83 -11.69 17.00
CA ARG A 108 -6.66 -13.09 16.69
C ARG A 108 -5.98 -13.64 17.93
N THR A 109 -6.00 -14.96 18.16
CA THR A 109 -5.10 -15.51 19.19
C THR A 109 -3.62 -15.34 18.77
N VAL A 110 -2.75 -15.25 19.78
CA VAL A 110 -1.30 -15.18 19.60
C VAL A 110 -0.75 -16.38 18.83
N ALA A 111 0.06 -16.07 17.82
CA ALA A 111 0.77 -17.08 17.04
C ALA A 111 2.23 -16.66 16.91
N ALA A 112 3.12 -17.58 17.30
CA ALA A 112 4.56 -17.36 17.21
C ALA A 112 5.00 -17.54 15.78
N PRO A 113 5.94 -16.71 15.32
CA PRO A 113 6.49 -16.87 13.97
C PRO A 113 7.46 -18.04 13.88
N SER A 114 7.56 -18.64 12.69
CA SER A 114 8.71 -19.48 12.36
C SER A 114 9.73 -18.59 11.66
N VAL A 115 11.01 -18.81 11.99
CA VAL A 115 12.08 -17.87 11.64
C VAL A 115 13.10 -18.58 10.74
N PHE A 116 13.53 -17.85 9.72
CA PHE A 116 14.48 -18.32 8.72
C PHE A 116 15.50 -17.20 8.47
N ILE A 117 16.78 -17.59 8.33
CA ILE A 117 17.84 -16.67 7.92
C ILE A 117 18.43 -17.12 6.57
N PHE A 118 18.73 -16.14 5.71
CA PHE A 118 19.33 -16.42 4.41
C PHE A 118 20.62 -15.62 4.27
N PRO A 119 21.75 -16.30 3.93
CA PRO A 119 22.97 -15.56 3.61
C PRO A 119 22.86 -14.87 2.24
N PRO A 120 23.74 -13.89 1.96
CA PRO A 120 23.78 -13.36 0.61
C PRO A 120 24.16 -14.44 -0.41
N SER A 121 23.75 -14.27 -1.65
CA SER A 121 24.09 -15.22 -2.72
C SER A 121 25.50 -14.94 -3.24
N ASP A 122 26.13 -15.93 -3.87
CA ASP A 122 27.45 -15.70 -4.48
C ASP A 122 27.38 -14.76 -5.66
N GLU A 123 26.25 -14.81 -6.38
CA GLU A 123 25.95 -13.87 -7.46
C GLU A 123 25.98 -12.40 -7.00
N GLN A 124 25.43 -12.11 -5.82
CA GLN A 124 25.39 -10.74 -5.28
C GLN A 124 26.74 -10.28 -4.78
N LEU A 125 27.48 -11.17 -4.12
CA LEU A 125 28.78 -10.82 -3.54
C LEU A 125 29.78 -10.28 -4.56
N LYS A 126 29.75 -10.80 -5.79
CA LYS A 126 30.60 -10.26 -6.88
C LYS A 126 30.38 -8.77 -7.15
N SER A 127 29.14 -8.31 -6.95
CA SER A 127 28.79 -6.91 -7.16
C SER A 127 29.28 -6.01 -6.01
N GLY A 128 29.74 -6.62 -4.91
CA GLY A 128 30.33 -5.89 -3.79
C GLY A 128 29.37 -5.47 -2.68
N THR A 129 28.20 -6.10 -2.64
CA THR A 129 27.21 -5.89 -1.57
C THR A 129 26.67 -7.23 -1.07
N ALA A 130 26.33 -7.25 0.23
CA ALA A 130 25.83 -8.42 0.91
C ALA A 130 24.51 -8.08 1.59
N SER A 131 23.44 -8.72 1.14
CA SER A 131 22.16 -8.62 1.80
C SER A 131 21.89 -9.90 2.58
N VAL A 132 21.74 -9.75 3.88
CA VAL A 132 21.40 -10.88 4.74
C VAL A 132 19.92 -10.70 5.08
N VAL A 133 19.12 -11.73 4.83
CA VAL A 133 17.68 -11.61 5.03
C VAL A 133 17.19 -12.51 6.16
N CYS A 134 16.30 -11.95 6.99
CA CYS A 134 15.64 -12.70 8.04
C CYS A 134 14.13 -12.66 7.81
N LEU A 135 13.52 -13.85 7.82
CA LEU A 135 12.09 -14.01 7.59
C LEU A 135 11.39 -14.46 8.86
N LEU A 136 10.34 -13.73 9.25
CA LEU A 136 9.40 -14.23 10.22
C LEU A 136 8.10 -14.55 9.48
N ASN A 137 7.61 -15.77 9.64
CA ASN A 137 6.46 -16.21 8.88
C ASN A 137 5.23 -16.42 9.78
N ASN A 138 4.10 -15.88 9.34
CA ASN A 138 2.76 -16.13 9.93
C ASN A 138 2.62 -16.00 11.45
N PHE A 139 2.76 -14.77 11.94
CA PHE A 139 2.68 -14.48 13.35
C PHE A 139 1.61 -13.44 13.67
N TYR A 140 1.14 -13.46 14.92
CA TYR A 140 0.24 -12.46 15.46
C TYR A 140 0.54 -12.27 16.96
N PRO A 141 0.53 -11.03 17.48
CA PRO A 141 0.25 -9.72 16.84
C PRO A 141 1.42 -9.22 15.98
N ARG A 142 1.16 -8.13 15.25
CA ARG A 142 2.16 -7.47 14.39
C ARG A 142 3.45 -7.11 15.12
N GLU A 143 3.34 -6.74 16.39
CA GLU A 143 4.51 -6.36 17.20
C GLU A 143 5.55 -7.48 17.30
N ALA A 144 6.72 -7.23 16.73
CA ALA A 144 7.90 -8.10 16.90
C ALA A 144 9.19 -7.28 17.01
N LYS A 145 10.14 -7.78 17.82
CA LYS A 145 11.50 -7.22 17.85
C LYS A 145 12.46 -8.18 17.13
N VAL A 146 12.99 -7.72 16.00
CA VAL A 146 13.99 -8.50 15.30
C VAL A 146 15.33 -7.76 15.24
N GLN A 147 16.31 -8.36 15.89
CA GLN A 147 17.64 -7.79 16.02
C GLN A 147 18.64 -8.64 15.26
N TRP A 148 19.64 -7.97 14.68
CA TRP A 148 20.76 -8.63 14.05
C TRP A 148 21.99 -8.62 14.94
N LYS A 149 22.68 -9.75 14.99
CA LYS A 149 23.94 -9.87 15.69
C LYS A 149 24.96 -10.38 14.71
N VAL A 150 26.12 -9.74 14.70
CA VAL A 150 27.23 -10.15 13.82
C VAL A 150 28.43 -10.37 14.72
N ASP A 151 28.94 -11.61 14.75
CA ASP A 151 29.95 -12.04 15.72
C ASP A 151 29.44 -11.71 17.13
N ASN A 152 28.15 -11.92 17.33
CA ASN A 152 27.44 -11.68 18.59
C ASN A 152 27.22 -10.24 19.10
N ALA A 153 27.52 -9.26 18.24
CA ALA A 153 27.38 -7.86 18.62
C ALA A 153 26.13 -7.30 17.96
N LEU A 154 25.25 -6.73 18.78
CA LEU A 154 23.98 -6.19 18.35
C LEU A 154 24.21 -5.07 17.33
N GLN A 155 23.48 -5.12 16.22
CA GLN A 155 23.63 -4.14 15.15
C GLN A 155 22.62 -3.01 15.27
N SER A 156 22.98 -1.87 14.67
CA SER A 156 22.23 -0.64 14.78
C SER A 156 22.35 0.13 13.46
N GLY A 157 21.21 0.50 12.92
CA GLY A 157 21.10 1.46 11.83
C GLY A 157 21.29 0.90 10.44
N ASN A 158 21.64 -0.39 10.34
CA ASN A 158 22.04 -0.99 9.07
C ASN A 158 21.11 -2.08 8.52
N SER A 159 19.87 -2.09 9.00
CA SER A 159 18.85 -2.98 8.50
C SER A 159 17.52 -2.25 8.31
N GLN A 160 16.69 -2.77 7.39
CA GLN A 160 15.33 -2.25 7.16
C GLN A 160 14.37 -3.43 7.17
N GLU A 161 13.16 -3.19 7.68
CA GLU A 161 12.15 -4.22 7.66
C GLU A 161 10.87 -3.81 6.92
N SER A 162 10.11 -4.84 6.55
CA SER A 162 8.94 -4.72 5.71
C SER A 162 7.96 -5.83 6.12
N VAL A 163 6.68 -5.47 6.26
CA VAL A 163 5.66 -6.37 6.78
C VAL A 163 4.54 -6.52 5.75
N THR A 164 3.99 -7.72 5.62
CA THR A 164 2.85 -7.94 4.72
C THR A 164 1.54 -7.43 5.36
N GLU A 165 0.51 -7.29 4.52
CA GLU A 165 -0.84 -7.04 4.98
C GLU A 165 -1.32 -8.26 5.75
N GLN A 166 -2.31 -8.08 6.62
CA GLN A 166 -2.87 -9.18 7.39
C GLN A 166 -3.37 -10.27 6.43
N ASP A 167 -3.03 -11.53 6.71
CA ASP A 167 -3.36 -12.65 5.83
C ASP A 167 -4.88 -12.87 5.80
N SER A 168 -5.45 -13.04 4.61
CA SER A 168 -6.91 -13.23 4.47
C SER A 168 -7.39 -14.60 4.97
N LYS A 169 -6.49 -15.56 5.04
CA LYS A 169 -6.82 -16.91 5.54
C LYS A 169 -6.67 -17.03 7.06
N ASP A 170 -5.53 -16.66 7.62
CA ASP A 170 -5.29 -16.92 9.05
C ASP A 170 -5.04 -15.68 9.93
N SER A 171 -5.23 -14.49 9.36
CA SER A 171 -5.10 -13.19 10.09
C SER A 171 -3.71 -12.88 10.70
N THR A 172 -2.67 -13.57 10.19
CA THR A 172 -1.30 -13.37 10.64
C THR A 172 -0.51 -12.40 9.74
N TYR A 173 0.70 -12.07 10.20
CA TYR A 173 1.61 -11.23 9.46
C TYR A 173 2.86 -12.00 9.13
N SER A 174 3.53 -11.53 8.09
CA SER A 174 4.88 -11.97 7.79
C SER A 174 5.76 -10.76 7.68
N LEU A 175 7.04 -10.94 7.99
CA LEU A 175 7.97 -9.82 8.08
C LEU A 175 9.31 -10.23 7.50
N SER A 176 9.95 -9.28 6.83
CA SER A 176 11.34 -9.41 6.38
C SER A 176 12.18 -8.34 7.06
N SER A 177 13.39 -8.72 7.46
CA SER A 177 14.39 -7.77 7.89
C SER A 177 15.62 -8.02 7.03
N THR A 178 16.18 -6.95 6.47
CA THR A 178 17.30 -7.05 5.58
C THR A 178 18.50 -6.30 6.12
N LEU A 179 19.56 -7.04 6.40
CA LEU A 179 20.84 -6.48 6.81
C LEU A 179 21.72 -6.21 5.58
N THR A 180 22.15 -4.96 5.42
CA THR A 180 22.98 -4.60 4.29
C THR A 180 24.38 -4.16 4.73
N LEU A 181 25.40 -4.83 4.18
CA LEU A 181 26.81 -4.49 4.44
C LEU A 181 27.54 -4.43 3.10
N SER A 182 28.75 -3.87 3.10
CA SER A 182 29.62 -4.05 1.93
C SER A 182 30.15 -5.49 1.93
N LYS A 183 30.50 -6.02 0.76
CA LYS A 183 31.12 -7.33 0.68
C LYS A 183 32.30 -7.38 1.65
N ALA A 184 33.14 -6.34 1.59
CA ALA A 184 34.35 -6.18 2.42
C ALA A 184 34.09 -6.38 3.90
N ASP A 185 33.15 -5.61 4.43
CA ASP A 185 32.71 -5.71 5.83
C ASP A 185 32.15 -7.12 6.14
N TYR A 186 31.28 -7.60 5.25
CA TYR A 186 30.67 -8.93 5.37
C TYR A 186 31.70 -10.05 5.58
N GLU A 187 32.78 -10.01 4.80
CA GLU A 187 33.85 -11.02 4.85
C GLU A 187 34.83 -10.88 6.03
N LYS A 188 34.63 -9.85 6.85
CA LYS A 188 35.41 -9.64 8.06
C LYS A 188 34.81 -10.35 9.26
N HIS A 189 33.58 -10.84 9.12
CA HIS A 189 32.90 -11.47 10.23
C HIS A 189 32.68 -12.97 10.06
N LYS A 190 32.34 -13.61 11.16
CA LYS A 190 32.24 -15.05 11.15
C LYS A 190 30.79 -15.50 11.24
N VAL A 191 30.05 -15.03 12.22
CA VAL A 191 28.67 -15.51 12.44
C VAL A 191 27.60 -14.41 12.32
N TYR A 192 26.56 -14.74 11.56
CA TYR A 192 25.45 -13.84 11.29
C TYR A 192 24.18 -14.43 11.87
N ALA A 193 23.54 -13.66 12.76
CA ALA A 193 22.41 -14.14 13.53
C ALA A 193 21.23 -13.17 13.52
N CYS A 194 20.04 -13.74 13.37
CA CYS A 194 18.79 -13.05 13.51
C CYS A 194 18.12 -13.48 14.84
N GLU A 195 18.06 -12.55 15.80
CA GLU A 195 17.33 -12.80 17.05
C GLU A 195 15.94 -12.12 17.05
N VAL A 196 14.91 -12.94 17.29
CA VAL A 196 13.50 -12.55 17.20
C VAL A 196 12.80 -12.68 18.56
N THR A 197 12.18 -11.58 18.98
CA THR A 197 11.45 -11.50 20.25
C THR A 197 9.98 -11.25 19.96
N HIS A 198 9.10 -12.14 20.43
CA HIS A 198 7.67 -12.05 20.13
C HIS A 198 6.82 -12.60 21.28
N GLN A 199 5.65 -12.00 21.50
CA GLN A 199 4.69 -12.47 22.49
C GLN A 199 4.46 -13.98 22.45
N GLY A 200 4.47 -14.56 21.24
CA GLY A 200 4.27 -16.00 21.09
C GLY A 200 5.48 -16.86 21.44
N LEU A 201 6.61 -16.23 21.77
CA LEU A 201 7.86 -16.94 22.06
C LEU A 201 8.23 -16.78 23.54
N SER A 202 8.38 -17.90 24.25
CA SER A 202 8.64 -17.84 25.70
C SER A 202 9.97 -17.17 25.99
N SER A 203 10.94 -17.42 25.11
CA SER A 203 12.22 -16.73 25.09
C SER A 203 12.60 -16.48 23.61
N PRO A 204 13.54 -15.53 23.35
CA PRO A 204 13.91 -15.22 21.97
C PRO A 204 14.43 -16.40 21.15
N VAL A 205 13.96 -16.49 19.92
CA VAL A 205 14.46 -17.45 18.96
C VAL A 205 15.60 -16.80 18.13
N THR A 206 16.68 -17.56 17.90
CA THR A 206 17.83 -17.12 17.12
C THR A 206 18.10 -18.10 16.00
N LYS A 207 18.30 -17.57 14.80
CA LYS A 207 18.69 -18.35 13.65
C LYS A 207 19.97 -17.72 13.16
N SER A 208 20.95 -18.57 12.81
CA SER A 208 22.25 -18.09 12.43
C SER A 208 22.88 -18.94 11.34
N PHE A 209 23.86 -18.36 10.66
CA PHE A 209 24.78 -19.14 9.85
C PHE A 209 26.22 -18.67 10.08
N ASN A 210 27.19 -19.52 9.76
CA ASN A 210 28.60 -19.13 9.74
C ASN A 210 28.99 -18.87 8.30
N ARG A 211 29.51 -17.66 8.03
CA ARG A 211 29.85 -17.30 6.66
C ARG A 211 30.86 -18.31 6.07
N GLU B 1 -22.33 -2.09 -17.27
CA GLU B 1 -21.47 -1.94 -16.06
C GLU B 1 -21.19 -0.46 -15.87
N VAL B 2 -21.04 -0.05 -14.61
CA VAL B 2 -20.54 1.30 -14.30
C VAL B 2 -19.02 1.26 -14.19
N GLN B 3 -18.34 2.04 -15.03
CA GLN B 3 -16.85 2.08 -15.05
C GLN B 3 -16.31 3.52 -15.11
N LEU B 4 -15.15 3.73 -14.47
CA LEU B 4 -14.28 4.89 -14.69
C LEU B 4 -12.90 4.34 -14.95
N VAL B 5 -12.26 4.80 -16.01
CA VAL B 5 -10.93 4.27 -16.36
C VAL B 5 -9.96 5.40 -16.68
N GLU B 6 -8.98 5.57 -15.80
CA GLU B 6 -7.93 6.55 -16.03
C GLU B 6 -6.64 6.03 -16.70
N SER B 7 -5.96 6.95 -17.37
CA SER B 7 -4.74 6.66 -18.12
C SER B 7 -3.89 7.93 -18.31
N GLY B 8 -2.67 7.75 -18.79
CA GLY B 8 -1.78 8.87 -19.11
C GLY B 8 -0.67 9.04 -18.10
N GLY B 9 -0.75 8.30 -17.00
CA GLY B 9 0.30 8.32 -15.96
C GLY B 9 1.60 7.86 -16.58
N GLY B 10 2.70 8.21 -15.95
CA GLY B 10 4.00 7.82 -16.46
C GLY B 10 5.08 8.43 -15.61
N LEU B 11 6.31 8.15 -15.99
CA LEU B 11 7.48 8.73 -15.33
C LEU B 11 7.99 9.92 -16.14
N VAL B 12 8.03 11.08 -15.49
CA VAL B 12 8.48 12.31 -16.11
C VAL B 12 9.42 13.05 -15.16
N GLN B 13 10.22 13.96 -15.70
CA GLN B 13 11.16 14.69 -14.87
C GLN B 13 10.47 15.92 -14.29
N PRO B 14 11.00 16.47 -13.17
CA PRO B 14 10.53 17.73 -12.62
C PRO B 14 10.49 18.86 -13.68
N GLY B 15 9.41 19.64 -13.68
CA GLY B 15 9.22 20.70 -14.64
C GLY B 15 8.50 20.30 -15.91
N ARG B 16 8.43 19.00 -16.19
CA ARG B 16 7.72 18.51 -17.37
C ARG B 16 6.22 18.36 -17.15
N SER B 17 5.51 17.98 -18.22
CA SER B 17 4.05 17.93 -18.25
C SER B 17 3.52 16.51 -18.45
N LEU B 18 2.28 16.28 -17.98
CA LEU B 18 1.50 15.07 -18.24
C LEU B 18 0.01 15.40 -18.37
N ARG B 19 -0.67 14.72 -19.28
CA ARG B 19 -2.12 14.81 -19.42
C ARG B 19 -2.80 13.49 -19.04
N LEU B 20 -3.68 13.54 -18.05
CA LEU B 20 -4.45 12.38 -17.63
C LEU B 20 -5.85 12.39 -18.22
N SER B 21 -6.33 11.20 -18.61
CA SER B 21 -7.70 11.00 -19.06
C SER B 21 -8.42 10.08 -18.11
N CYS B 22 -9.72 10.28 -17.98
CA CYS B 22 -10.60 9.42 -17.23
C CYS B 22 -11.87 9.16 -18.03
N ALA B 23 -11.95 7.97 -18.63
CA ALA B 23 -13.05 7.59 -19.50
C ALA B 23 -14.15 6.90 -18.70
N ALA B 24 -15.37 7.44 -18.80
CA ALA B 24 -16.52 6.88 -18.09
C ALA B 24 -17.46 6.17 -19.05
N SER B 25 -18.13 5.13 -18.56
CA SER B 25 -19.26 4.52 -19.27
C SER B 25 -20.21 3.82 -18.30
N GLY B 26 -21.46 3.59 -18.73
CA GLY B 26 -22.43 2.88 -17.90
C GLY B 26 -23.26 3.70 -16.92
N PHE B 27 -23.03 5.00 -16.88
CA PHE B 27 -23.86 5.91 -16.05
C PHE B 27 -23.93 7.25 -16.78
N THR B 28 -24.88 8.10 -16.37
CA THR B 28 -25.07 9.39 -17.05
C THR B 28 -23.99 10.38 -16.61
N PHE B 29 -22.86 10.35 -17.33
CA PHE B 29 -21.69 11.17 -16.99
C PHE B 29 -22.02 12.68 -16.91
N ASN B 30 -22.85 13.16 -17.84
CA ASN B 30 -23.20 14.58 -17.91
C ASN B 30 -24.03 15.15 -16.75
N ASP B 31 -24.57 14.27 -15.89
CA ASP B 31 -25.37 14.67 -14.73
C ASP B 31 -24.54 15.00 -13.49
N TYR B 32 -23.28 14.62 -13.47
CA TYR B 32 -22.50 14.57 -12.23
C TYR B 32 -21.22 15.40 -12.24
N ALA B 33 -20.90 15.92 -11.05
CA ALA B 33 -19.61 16.48 -10.73
C ALA B 33 -18.53 15.39 -10.74
N MET B 34 -17.36 15.77 -11.22
CA MET B 34 -16.24 14.87 -11.32
C MET B 34 -15.06 15.43 -10.56
N HIS B 35 -14.19 14.54 -10.07
CA HIS B 35 -13.10 14.85 -9.19
C HIS B 35 -11.87 14.12 -9.66
N TRP B 36 -10.72 14.74 -9.44
CA TRP B 36 -9.44 14.03 -9.36
C TRP B 36 -8.95 13.99 -7.90
N VAL B 37 -8.59 12.80 -7.42
CA VAL B 37 -8.08 12.60 -6.08
C VAL B 37 -6.81 11.76 -6.19
N ARG B 38 -5.76 12.16 -5.50
CA ARG B 38 -4.49 11.45 -5.61
C ARG B 38 -4.13 10.83 -4.26
N GLN B 39 -3.22 9.85 -4.29
CA GLN B 39 -2.77 9.13 -3.10
C GLN B 39 -1.29 8.71 -3.26
N ALA B 40 -0.43 9.30 -2.42
CA ALA B 40 0.98 8.88 -2.38
C ALA B 40 1.13 7.49 -1.76
N PRO B 41 2.08 6.69 -2.26
CA PRO B 41 2.33 5.32 -1.76
C PRO B 41 2.52 5.34 -0.25
N GLY B 42 1.75 4.48 0.44
CA GLY B 42 1.70 4.50 1.90
C GLY B 42 0.97 5.65 2.58
N LYS B 43 0.42 6.58 1.81
CA LYS B 43 -0.20 7.76 2.44
C LYS B 43 -1.72 7.79 2.26
N GLY B 44 -2.36 8.84 2.77
CA GLY B 44 -3.80 9.01 2.64
C GLY B 44 -4.21 9.72 1.35
N LEU B 45 -5.52 9.92 1.20
CA LEU B 45 -6.10 10.54 0.02
C LEU B 45 -5.99 12.06 0.09
N GLU B 46 -5.71 12.66 -1.07
CA GLU B 46 -5.60 14.10 -1.17
C GLU B 46 -6.35 14.54 -2.42
N TRP B 47 -7.34 15.41 -2.20
CA TRP B 47 -8.13 15.99 -3.27
C TRP B 47 -7.33 16.94 -4.18
N VAL B 48 -7.45 16.77 -5.49
CA VAL B 48 -6.74 17.59 -6.47
C VAL B 48 -7.63 18.67 -7.09
N SER B 49 -8.75 18.24 -7.67
CA SER B 49 -9.59 19.13 -8.45
C SER B 49 -11.02 18.62 -8.57
N THR B 50 -11.94 19.53 -8.91
CA THR B 50 -13.34 19.21 -9.14
C THR B 50 -13.90 20.07 -10.25
N ILE B 51 -14.82 19.50 -11.02
CA ILE B 51 -15.51 20.21 -12.09
C ILE B 51 -16.97 19.79 -12.08
N SER B 52 -17.88 20.78 -12.06
CA SER B 52 -19.31 20.53 -12.12
C SER B 52 -19.72 19.99 -13.49
N TRP B 53 -20.94 19.43 -13.59
CA TRP B 53 -21.40 18.78 -14.80
C TRP B 53 -21.29 19.67 -16.04
N ASN B 54 -21.59 20.96 -15.86
CA ASN B 54 -21.62 21.93 -16.96
C ASN B 54 -20.32 22.70 -17.16
N SER B 55 -19.26 22.35 -16.41
CA SER B 55 -17.93 22.97 -16.54
C SER B 55 -17.91 24.43 -16.10
N GLY B 56 -18.97 24.88 -15.44
CA GLY B 56 -19.10 26.29 -15.12
C GLY B 56 -18.52 26.65 -13.77
N SER B 57 -18.38 25.63 -12.92
CA SER B 57 -17.78 25.78 -11.60
C SER B 57 -16.58 24.82 -11.48
N ILE B 58 -15.45 25.33 -10.99
CA ILE B 58 -14.24 24.54 -10.83
C ILE B 58 -13.56 24.84 -9.49
N GLY B 59 -12.95 23.80 -8.91
CA GLY B 59 -12.16 23.91 -7.67
C GLY B 59 -10.80 23.26 -7.82
N TYR B 60 -9.80 23.82 -7.14
CA TYR B 60 -8.44 23.25 -7.12
C TYR B 60 -7.85 23.22 -5.70
N ALA B 61 -7.04 22.20 -5.46
CA ALA B 61 -6.23 22.09 -4.25
C ALA B 61 -5.17 23.20 -4.26
N ASP B 62 -4.66 23.54 -3.09
CA ASP B 62 -3.75 24.66 -2.97
C ASP B 62 -2.37 24.44 -3.63
N SER B 63 -1.86 23.22 -3.55
CA SER B 63 -0.54 22.87 -4.06
C SER B 63 -0.52 22.73 -5.59
N VAL B 64 -1.69 22.90 -6.18
CA VAL B 64 -1.97 22.43 -7.52
C VAL B 64 -2.36 23.62 -8.41
N LYS B 65 -2.83 24.68 -7.76
CA LYS B 65 -3.35 25.86 -8.45
C LYS B 65 -2.32 26.52 -9.38
N GLY B 66 -2.80 26.93 -10.55
CA GLY B 66 -1.97 27.55 -11.55
C GLY B 66 -1.11 26.59 -12.36
N ARG B 67 -1.08 25.32 -11.97
CA ARG B 67 -0.24 24.32 -12.64
C ARG B 67 -1.09 23.25 -13.29
N PHE B 68 -2.20 22.91 -12.65
CA PHE B 68 -3.11 21.84 -13.10
C PHE B 68 -4.39 22.47 -13.62
N THR B 69 -4.89 21.91 -14.73
CA THR B 69 -6.17 22.32 -15.33
C THR B 69 -7.08 21.11 -15.49
N ILE B 70 -8.25 21.15 -14.84
CA ILE B 70 -9.28 20.11 -15.01
C ILE B 70 -10.18 20.52 -16.17
N SER B 71 -10.67 19.54 -16.93
CA SER B 71 -11.64 19.76 -18.01
C SER B 71 -12.42 18.47 -18.26
N ARG B 72 -13.56 18.57 -18.94
CA ARG B 72 -14.37 17.39 -19.31
C ARG B 72 -15.00 17.54 -20.70
N ASP B 73 -15.36 16.39 -21.28
CA ASP B 73 -16.05 16.29 -22.56
C ASP B 73 -17.21 15.35 -22.32
N ASN B 74 -18.39 15.92 -22.09
CA ASN B 74 -19.59 15.16 -21.76
C ASN B 74 -20.06 14.16 -22.82
N ALA B 75 -19.92 14.54 -24.09
CA ALA B 75 -20.28 13.72 -25.23
C ALA B 75 -19.37 12.49 -25.34
N LYS B 76 -18.10 12.67 -25.00
CA LYS B 76 -17.15 11.54 -24.94
C LYS B 76 -17.12 10.89 -23.55
N LYS B 77 -17.90 11.46 -22.62
CA LYS B 77 -17.94 11.03 -21.21
C LYS B 77 -16.53 10.92 -20.63
N SER B 78 -15.73 11.96 -20.83
CA SER B 78 -14.34 11.94 -20.39
C SER B 78 -13.99 13.16 -19.56
N LEU B 79 -13.08 12.94 -18.61
CA LEU B 79 -12.60 13.94 -17.70
C LEU B 79 -11.09 13.97 -17.89
N TYR B 80 -10.49 15.16 -17.88
CA TYR B 80 -9.06 15.33 -18.12
C TYR B 80 -8.35 16.10 -17.01
N LEU B 81 -7.04 15.90 -16.91
CA LEU B 81 -6.18 16.73 -16.05
C LEU B 81 -4.88 17.05 -16.77
N GLN B 82 -4.73 18.31 -17.17
CA GLN B 82 -3.46 18.81 -17.66
C GLN B 82 -2.61 19.20 -16.45
N MET B 83 -1.47 18.53 -16.31
CA MET B 83 -0.55 18.76 -15.21
C MET B 83 0.72 19.41 -15.75
N ASN B 84 0.94 20.66 -15.37
CA ASN B 84 2.13 21.41 -15.85
C ASN B 84 3.13 21.66 -14.74
N SER B 85 4.39 21.84 -15.14
CA SER B 85 5.54 22.02 -14.24
C SER B 85 5.47 21.13 -12.99
N LEU B 86 5.57 19.82 -13.24
CA LEU B 86 5.43 18.80 -12.23
C LEU B 86 6.60 18.75 -11.23
N ARG B 87 6.29 18.40 -9.99
CA ARG B 87 7.26 18.32 -8.91
C ARG B 87 7.30 16.91 -8.33
N ALA B 88 8.42 16.56 -7.73
CA ALA B 88 8.58 15.26 -7.07
C ALA B 88 7.39 14.90 -6.19
N GLU B 89 6.90 15.87 -5.41
CA GLU B 89 5.79 15.64 -4.50
C GLU B 89 4.39 15.56 -5.16
N ASP B 90 4.35 15.57 -6.48
CA ASP B 90 3.12 15.28 -7.23
C ASP B 90 3.04 13.79 -7.55
N THR B 91 4.10 13.06 -7.25
CA THR B 91 4.15 11.62 -7.41
C THR B 91 3.02 10.99 -6.61
N ALA B 92 2.14 10.24 -7.28
CA ALA B 92 0.98 9.60 -6.63
C ALA B 92 0.23 8.70 -7.59
N LEU B 93 -0.68 7.90 -7.03
CA LEU B 93 -1.74 7.26 -7.79
C LEU B 93 -2.83 8.30 -7.93
N TYR B 94 -3.25 8.56 -9.16
CA TYR B 94 -4.30 9.54 -9.44
C TYR B 94 -5.62 8.88 -9.81
N TYR B 95 -6.65 9.15 -9.01
CA TYR B 95 -8.01 8.65 -9.25
C TYR B 95 -8.93 9.70 -9.83
N CYS B 96 -9.80 9.30 -10.74
CA CYS B 96 -11.02 10.07 -10.94
C CYS B 96 -12.20 9.45 -10.17
N ALA B 97 -13.11 10.31 -9.74
CA ALA B 97 -14.24 9.85 -8.94
C ALA B 97 -15.49 10.67 -9.21
N LYS B 98 -16.61 9.97 -9.27
CA LYS B 98 -17.90 10.57 -9.52
C LYS B 98 -18.58 10.94 -8.19
N ASP B 99 -19.15 12.14 -8.12
CA ASP B 99 -19.96 12.49 -6.98
C ASP B 99 -21.41 12.04 -7.17
N ILE B 100 -22.07 11.77 -6.05
CA ILE B 100 -23.50 11.50 -5.97
C ILE B 100 -24.34 12.79 -6.00
N GLN B 101 -23.69 13.94 -5.77
CA GLN B 101 -24.40 15.22 -5.72
C GLN B 101 -25.21 15.42 -7.01
N TYR B 102 -26.49 15.71 -6.85
CA TYR B 102 -27.39 15.96 -7.96
C TYR B 102 -28.51 16.93 -7.57
N GLY B 103 -28.27 18.23 -7.83
CA GLY B 103 -29.23 19.29 -7.48
C GLY B 103 -29.49 19.44 -5.99
N ASN B 104 -28.57 18.95 -5.17
CA ASN B 104 -28.69 19.01 -3.71
C ASN B 104 -27.32 19.22 -3.07
N TYR B 105 -27.28 19.14 -1.75
CA TYR B 105 -26.03 19.24 -1.00
C TYR B 105 -25.55 17.91 -0.39
N TYR B 106 -25.94 16.79 -1.02
CA TYR B 106 -25.44 15.47 -0.67
C TYR B 106 -24.11 15.27 -1.37
N TYR B 107 -23.07 15.05 -0.60
CA TYR B 107 -21.73 14.94 -1.15
C TYR B 107 -21.09 13.60 -0.78
N GLY B 108 -20.51 12.96 -1.79
CA GLY B 108 -19.97 11.63 -1.66
C GLY B 108 -19.42 11.16 -2.99
N MET B 109 -18.24 10.55 -2.95
CA MET B 109 -17.61 9.99 -4.13
C MET B 109 -17.85 8.47 -4.11
N ASP B 110 -18.88 8.06 -4.87
CA ASP B 110 -19.38 6.69 -4.87
C ASP B 110 -18.77 5.76 -5.94
N VAL B 111 -18.28 6.33 -7.04
CA VAL B 111 -17.64 5.53 -8.09
C VAL B 111 -16.24 6.07 -8.29
N TRP B 112 -15.26 5.18 -8.26
CA TRP B 112 -13.85 5.51 -8.41
C TRP B 112 -13.27 4.67 -9.52
N GLY B 113 -12.18 5.14 -10.13
CA GLY B 113 -11.42 4.33 -11.07
C GLY B 113 -10.41 3.46 -10.32
N GLN B 114 -9.46 2.90 -11.05
CA GLN B 114 -8.43 2.04 -10.48
C GLN B 114 -7.18 2.88 -10.22
N GLY B 115 -7.06 3.99 -10.95
CA GLY B 115 -5.97 4.92 -10.78
C GLY B 115 -4.89 4.77 -11.83
N THR B 116 -4.22 5.88 -12.12
CA THR B 116 -3.05 5.88 -12.99
C THR B 116 -1.88 6.41 -12.17
N THR B 117 -0.71 5.78 -12.24
CA THR B 117 0.38 6.25 -11.37
C THR B 117 1.31 7.23 -12.06
N VAL B 118 1.56 8.33 -11.36
CA VAL B 118 2.40 9.40 -11.84
C VAL B 118 3.69 9.40 -11.01
N THR B 119 4.82 9.28 -11.70
CA THR B 119 6.12 9.35 -11.02
C THR B 119 6.92 10.54 -11.52
N VAL B 120 7.20 11.48 -10.62
CA VAL B 120 8.02 12.65 -10.98
C VAL B 120 9.40 12.57 -10.35
N SER B 121 10.41 12.30 -11.17
CA SER B 121 11.76 12.10 -10.67
C SER B 121 12.83 12.44 -11.71
N SER B 122 13.98 12.89 -11.22
CA SER B 122 15.16 13.04 -12.07
C SER B 122 15.82 11.70 -12.38
N ALA B 123 15.67 10.75 -11.46
CA ALA B 123 16.28 9.41 -11.55
C ALA B 123 15.78 8.56 -12.74
N SER B 124 16.72 7.98 -13.48
CA SER B 124 16.42 7.19 -14.68
C SER B 124 15.87 5.82 -14.30
N THR B 125 15.08 5.21 -15.19
CA THR B 125 14.53 3.88 -14.90
C THR B 125 15.64 2.83 -14.91
N LYS B 126 15.56 1.89 -13.96
CA LYS B 126 16.60 0.88 -13.78
C LYS B 126 15.96 -0.45 -13.41
N GLY B 127 16.28 -1.49 -14.18
CA GLY B 127 15.80 -2.84 -13.91
C GLY B 127 16.43 -3.46 -12.67
N PRO B 128 15.72 -4.40 -12.04
CA PRO B 128 16.24 -5.11 -10.87
C PRO B 128 17.35 -6.13 -11.13
N SER B 129 18.10 -6.44 -10.08
CA SER B 129 18.91 -7.64 -10.02
C SER B 129 18.14 -8.63 -9.19
N VAL B 130 18.15 -9.88 -9.63
CA VAL B 130 17.43 -10.93 -8.93
C VAL B 130 18.41 -11.96 -8.37
N PHE B 131 18.42 -12.08 -7.04
CA PHE B 131 19.27 -13.03 -6.31
C PHE B 131 18.45 -14.11 -5.58
N PRO B 132 18.95 -15.35 -5.55
CA PRO B 132 18.19 -16.36 -4.81
C PRO B 132 18.34 -16.24 -3.29
N LEU B 133 17.26 -16.55 -2.59
CA LEU B 133 17.31 -16.81 -1.17
C LEU B 133 17.08 -18.31 -1.07
N ALA B 134 18.20 -19.04 -1.02
CA ALA B 134 18.19 -20.51 -1.10
C ALA B 134 17.68 -21.16 0.19
N PRO B 135 16.91 -22.26 0.06
CA PRO B 135 16.45 -23.05 1.19
C PRO B 135 17.61 -23.62 1.99
N GLY B 136 17.48 -23.58 3.32
CA GLY B 136 18.51 -24.08 4.25
C GLY B 136 18.71 -25.58 4.19
N GLY B 143 8.85 -31.48 7.92
CA GLY B 143 9.07 -30.06 8.29
C GLY B 143 8.87 -29.07 7.15
N THR B 144 9.08 -27.79 7.46
CA THR B 144 8.86 -26.74 6.49
C THR B 144 10.11 -25.88 6.19
N ALA B 145 10.36 -25.69 4.91
CA ALA B 145 11.49 -24.88 4.43
C ALA B 145 11.00 -23.54 3.90
N ALA B 146 11.92 -22.58 3.76
CA ALA B 146 11.62 -21.30 3.13
C ALA B 146 12.65 -20.99 2.05
N LEU B 147 12.21 -20.36 0.99
CA LEU B 147 13.09 -19.97 -0.10
C LEU B 147 12.54 -18.66 -0.64
N GLY B 148 13.29 -18.00 -1.51
CA GLY B 148 12.80 -16.78 -2.08
C GLY B 148 13.68 -16.17 -3.14
N CYS B 149 13.30 -14.96 -3.53
CA CYS B 149 14.07 -14.12 -4.43
C CYS B 149 14.16 -12.72 -3.86
N LEU B 150 15.38 -12.17 -3.87
CA LEU B 150 15.63 -10.77 -3.52
C LEU B 150 15.66 -9.98 -4.82
N VAL B 151 14.78 -8.98 -4.90
CA VAL B 151 14.63 -8.17 -6.09
C VAL B 151 15.20 -6.80 -5.77
N LYS B 152 16.42 -6.57 -6.21
CA LYS B 152 17.21 -5.45 -5.70
C LYS B 152 17.51 -4.35 -6.74
N ASP B 153 17.42 -3.10 -6.28
CA ASP B 153 17.97 -1.96 -7.01
C ASP B 153 17.28 -1.65 -8.33
N TYR B 154 15.98 -1.35 -8.25
CA TYR B 154 15.21 -0.94 -9.40
C TYR B 154 14.54 0.41 -9.13
N PHE B 155 14.24 1.09 -10.23
CA PHE B 155 13.51 2.34 -10.16
C PHE B 155 12.75 2.52 -11.49
N PRO B 156 11.49 2.97 -11.44
CA PRO B 156 10.70 3.15 -10.23
C PRO B 156 9.88 1.91 -9.88
N GLU B 157 8.97 2.05 -8.91
CA GLU B 157 7.94 1.06 -8.67
C GLU B 157 6.93 1.05 -9.82
N PRO B 158 6.23 -0.07 -10.05
CA PRO B 158 6.34 -1.32 -9.29
C PRO B 158 7.14 -2.44 -9.96
N VAL B 159 7.44 -3.46 -9.17
CA VAL B 159 7.86 -4.76 -9.65
C VAL B 159 6.73 -5.73 -9.24
N THR B 160 6.42 -6.72 -10.08
CA THR B 160 5.54 -7.84 -9.69
C THR B 160 6.30 -9.16 -9.69
N VAL B 161 5.97 -10.02 -8.72
CA VAL B 161 6.57 -11.35 -8.63
C VAL B 161 5.51 -12.46 -8.63
N SER B 162 5.74 -13.50 -9.42
CA SER B 162 4.96 -14.74 -9.30
C SER B 162 5.89 -15.94 -9.15
N TRP B 163 5.33 -17.07 -8.71
CA TRP B 163 6.11 -18.28 -8.54
C TRP B 163 5.60 -19.41 -9.42
N ASN B 164 6.53 -20.09 -10.10
CA ASN B 164 6.21 -21.16 -11.06
C ASN B 164 5.13 -20.77 -12.07
N SER B 165 5.31 -19.59 -12.68
CA SER B 165 4.43 -19.03 -13.71
C SER B 165 2.98 -18.95 -13.26
N GLY B 166 2.79 -18.79 -11.95
CA GLY B 166 1.47 -18.64 -11.37
C GLY B 166 0.88 -19.89 -10.75
N ALA B 167 1.57 -21.01 -10.91
CA ALA B 167 1.08 -22.27 -10.36
C ALA B 167 1.32 -22.39 -8.83
N LEU B 168 2.22 -21.57 -8.28
CA LEU B 168 2.45 -21.52 -6.83
C LEU B 168 1.97 -20.19 -6.26
N THR B 169 1.01 -20.26 -5.34
CA THR B 169 0.43 -19.06 -4.75
C THR B 169 0.31 -19.20 -3.23
N SER B 170 0.03 -20.42 -2.78
CA SER B 170 -0.13 -20.71 -1.35
C SER B 170 1.22 -20.62 -0.65
N GLY B 171 1.26 -19.98 0.51
CA GLY B 171 2.51 -19.73 1.24
C GLY B 171 3.42 -18.62 0.74
N VAL B 172 3.05 -17.99 -0.38
CA VAL B 172 3.81 -16.85 -0.93
C VAL B 172 3.59 -15.56 -0.13
N HIS B 173 4.70 -14.87 0.15
CA HIS B 173 4.70 -13.51 0.67
C HIS B 173 5.64 -12.65 -0.13
N THR B 174 5.06 -11.77 -0.95
CA THR B 174 5.82 -10.76 -1.67
C THR B 174 5.68 -9.45 -0.92
N PHE B 175 6.80 -9.00 -0.35
CA PHE B 175 6.82 -7.91 0.61
C PHE B 175 6.76 -6.56 -0.05
N PRO B 176 6.12 -5.58 0.62
CA PRO B 176 6.15 -4.20 0.12
C PRO B 176 7.59 -3.73 -0.09
N ALA B 177 7.82 -3.00 -1.18
CA ALA B 177 9.15 -2.49 -1.47
C ALA B 177 9.63 -1.50 -0.39
N VAL B 178 10.94 -1.37 -0.26
CA VAL B 178 11.54 -0.40 0.62
C VAL B 178 12.43 0.51 -0.22
N LEU B 179 12.36 1.81 0.05
CA LEU B 179 13.22 2.78 -0.62
C LEU B 179 14.54 2.88 0.13
N GLN B 180 15.60 2.38 -0.51
CA GLN B 180 16.95 2.40 0.04
C GLN B 180 17.54 3.82 -0.06
N SER B 181 18.54 4.11 0.78
CA SER B 181 19.20 5.41 0.80
C SER B 181 19.79 5.80 -0.56
N SER B 182 19.94 4.81 -1.43
CA SER B 182 20.48 5.01 -2.78
C SER B 182 19.47 5.62 -3.78
N GLY B 183 18.21 5.73 -3.35
CA GLY B 183 17.11 6.11 -4.26
C GLY B 183 16.55 4.95 -5.07
N LEU B 184 17.06 3.74 -4.84
CA LEU B 184 16.56 2.54 -5.51
C LEU B 184 15.71 1.67 -4.58
N TYR B 185 14.74 0.97 -5.16
CA TYR B 185 13.85 0.08 -4.42
C TYR B 185 14.40 -1.34 -4.31
N SER B 186 13.91 -2.04 -3.29
CA SER B 186 14.25 -3.42 -3.02
C SER B 186 13.05 -4.13 -2.39
N LEU B 187 12.74 -5.34 -2.86
CA LEU B 187 11.83 -6.22 -2.13
C LEU B 187 12.32 -7.65 -2.16
N SER B 188 11.85 -8.45 -1.20
CA SER B 188 11.94 -9.90 -1.29
C SER B 188 10.57 -10.51 -1.51
N SER B 189 10.57 -11.64 -2.22
CA SER B 189 9.40 -12.51 -2.33
C SER B 189 9.78 -13.87 -1.80
N VAL B 190 9.00 -14.37 -0.85
CA VAL B 190 9.28 -15.68 -0.27
C VAL B 190 8.07 -16.62 -0.39
N VAL B 191 8.35 -17.91 -0.22
CA VAL B 191 7.35 -18.96 -0.12
C VAL B 191 7.93 -20.00 0.82
N THR B 192 7.11 -20.47 1.76
CA THR B 192 7.46 -21.61 2.61
C THR B 192 6.94 -22.89 1.97
N VAL B 193 7.75 -23.94 2.04
CA VAL B 193 7.44 -25.21 1.40
C VAL B 193 7.77 -26.37 2.34
N PRO B 194 7.08 -27.52 2.16
CA PRO B 194 7.52 -28.75 2.82
C PRO B 194 8.96 -29.10 2.43
N SER B 195 9.80 -29.36 3.43
CA SER B 195 11.21 -29.71 3.22
C SER B 195 11.35 -30.93 2.31
N SER B 196 10.45 -31.90 2.49
CA SER B 196 10.46 -33.16 1.74
C SER B 196 10.44 -32.96 0.22
N SER B 197 9.88 -31.85 -0.23
CA SER B 197 9.71 -31.60 -1.66
C SER B 197 10.91 -30.92 -2.30
N LEU B 198 11.92 -30.54 -1.50
CA LEU B 198 13.03 -29.75 -2.02
C LEU B 198 13.88 -30.46 -3.09
N GLY B 199 13.95 -31.78 -3.01
CA GLY B 199 14.71 -32.57 -3.98
C GLY B 199 13.93 -32.89 -5.24
N THR B 200 12.63 -32.65 -5.16
CA THR B 200 11.66 -33.13 -6.14
C THR B 200 10.95 -32.00 -6.88
N GLN B 201 10.80 -30.86 -6.22
CA GLN B 201 10.03 -29.73 -6.75
C GLN B 201 10.94 -28.61 -7.20
N THR B 202 10.64 -28.08 -8.38
CA THR B 202 11.34 -26.93 -8.96
C THR B 202 10.64 -25.64 -8.55
N TYR B 203 11.43 -24.67 -8.08
CA TYR B 203 10.93 -23.35 -7.73
C TYR B 203 11.60 -22.24 -8.53
N ILE B 204 10.78 -21.52 -9.30
CA ILE B 204 11.22 -20.39 -10.10
C ILE B 204 10.40 -19.14 -9.74
N CYS B 205 11.10 -18.05 -9.39
CA CYS B 205 10.45 -16.76 -9.28
C CYS B 205 10.46 -16.03 -10.63
N ASN B 206 9.30 -15.54 -11.03
CA ASN B 206 9.16 -14.74 -12.25
C ASN B 206 8.99 -13.28 -11.87
N VAL B 207 10.07 -12.52 -12.04
CA VAL B 207 10.08 -11.11 -11.74
C VAL B 207 9.79 -10.31 -13.02
N ASN B 208 8.92 -9.31 -12.90
CA ASN B 208 8.66 -8.40 -14.00
C ASN B 208 8.71 -6.92 -13.57
N HIS B 209 9.49 -6.13 -14.29
CA HIS B 209 9.63 -4.69 -14.08
C HIS B 209 9.27 -4.03 -15.38
N LYS B 210 8.01 -3.63 -15.50
CA LYS B 210 7.54 -3.04 -16.74
C LYS B 210 8.31 -1.80 -17.17
N PRO B 211 8.55 -0.83 -16.26
CA PRO B 211 9.21 0.42 -16.70
C PRO B 211 10.54 0.26 -17.44
N SER B 212 11.26 -0.84 -17.19
CA SER B 212 12.54 -1.09 -17.83
C SER B 212 12.47 -2.24 -18.85
N ASN B 213 11.28 -2.80 -19.02
CA ASN B 213 11.06 -4.00 -19.85
C ASN B 213 11.85 -5.24 -19.39
N THR B 214 11.90 -5.42 -18.08
CA THR B 214 12.71 -6.48 -17.49
C THR B 214 11.82 -7.64 -17.04
N LYS B 215 12.08 -8.82 -17.60
CA LYS B 215 11.53 -10.07 -17.10
C LYS B 215 12.72 -10.97 -16.70
N VAL B 216 12.70 -11.47 -15.46
CA VAL B 216 13.75 -12.38 -14.99
C VAL B 216 13.11 -13.60 -14.36
N ASP B 217 13.59 -14.79 -14.77
CA ASP B 217 13.20 -16.04 -14.14
C ASP B 217 14.41 -16.59 -13.40
N LYS B 218 14.30 -16.71 -12.09
CA LYS B 218 15.37 -17.26 -11.28
C LYS B 218 14.91 -18.56 -10.64
N LYS B 219 15.59 -19.65 -11.00
CA LYS B 219 15.41 -20.93 -10.33
C LYS B 219 16.13 -20.87 -8.99
N VAL B 220 15.41 -21.24 -7.93
CA VAL B 220 15.95 -21.19 -6.56
C VAL B 220 16.19 -22.62 -6.01
N GLU B 221 17.45 -22.93 -5.71
CA GLU B 221 17.87 -24.29 -5.37
C GLU B 221 18.69 -24.35 -4.09
N PRO B 222 18.64 -25.50 -3.38
CA PRO B 222 19.58 -25.81 -2.31
C PRO B 222 21.00 -25.31 -2.58
ZN ZN C . -19.68 -11.10 6.12
ZN ZN D . 3.45 -17.63 5.36
ZN ZN E . -7.56 26.20 7.72
#